data_2EVO
#
_entry.id   2EVO
#
_cell.length_a   49.200
_cell.length_b   63.400
_cell.length_c   75.300
_cell.angle_alpha   90.00
_cell.angle_beta   108.50
_cell.angle_gamma   90.00
#
_symmetry.space_group_name_H-M   'P 1 21 1'
#
loop_
_entity.id
_entity.type
_entity.pdbx_description
1 polymer 'Methionine aminopeptidase'
2 non-polymer 'COBALT (II) ION'
3 non-polymer N1-CYCLOPENTYL-N2-(THIAZOL-2-YL)OXALAMIDE
4 water water
#
_entity_poly.entity_id   1
_entity_poly.type   'polypeptide(L)'
_entity_poly.pdbx_seq_one_letter_code
;MAISIKTPEDIEKMRVAGRLAAEVLEMIEPYVKPGVSTGELDRICNDYIVNEQHAVSACLGYHGYPKSVCISINEVVCHG
IPDDAKLLKDGDIVNIDVTVIKDGFHGDTSKMFIVGKPTIMGERLCRITQESLYLALRMVKPGINLREIGAAIQKFVEAE
GFSVVREYCGHGIGRGFHEEPQVLHYDSRETNVVLKPGMTFTIEPMVNAGKKEIRTMKDGWTVKTKDRSLSAQYEHTIVV
TDNGCEILTLRKDDTIPAIISHDE
;
_entity_poly.pdbx_strand_id   A,B
#
loop_
_chem_comp.id
_chem_comp.type
_chem_comp.name
_chem_comp.formula
CO non-polymer 'COBALT (II) ION' 'Co 2'
CT0 non-polymer N1-CYCLOPENTYL-N2-(THIAZOL-2-YL)OXALAMIDE 'C10 H13 N3 O2 S'
#
# COMPACT_ATOMS: atom_id res chain seq x y z
N SER A 4 -24.12 11.82 0.42
CA SER A 4 -25.48 11.66 -0.15
C SER A 4 -26.48 11.28 0.94
N ILE A 5 -27.71 11.01 0.53
CA ILE A 5 -28.75 10.63 1.46
C ILE A 5 -29.17 9.19 1.15
N LYS A 6 -29.05 8.31 2.14
CA LYS A 6 -29.42 6.92 1.97
C LYS A 6 -30.91 6.66 2.16
N THR A 7 -31.43 5.70 1.42
CA THR A 7 -32.84 5.33 1.52
C THR A 7 -32.97 4.32 2.65
N PRO A 8 -34.20 4.08 3.14
CA PRO A 8 -34.34 3.11 4.21
C PRO A 8 -33.79 1.74 3.81
N GLU A 9 -33.94 1.40 2.53
CA GLU A 9 -33.43 0.13 2.01
C GLU A 9 -31.92 0.10 2.15
N ASP A 10 -31.26 1.20 1.80
CA ASP A 10 -29.81 1.28 1.90
C ASP A 10 -29.37 1.17 3.35
N ILE A 11 -30.05 1.91 4.23
CA ILE A 11 -29.72 1.89 5.64
C ILE A 11 -29.89 0.48 6.22
N GLU A 12 -30.91 -0.24 5.78
CA GLU A 12 -31.12 -1.59 6.27
C GLU A 12 -29.88 -2.42 5.97
N LYS A 13 -29.34 -2.25 4.77
CA LYS A 13 -28.14 -2.98 4.36
C LYS A 13 -26.92 -2.50 5.15
N MET A 14 -26.90 -1.21 5.48
CA MET A 14 -25.78 -0.71 6.24
C MET A 14 -25.82 -1.21 7.68
N ARG A 15 -27.01 -1.51 8.18
CA ARG A 15 -27.14 -2.05 9.52
C ARG A 15 -26.49 -3.43 9.51
N VAL A 16 -26.73 -4.16 8.42
CA VAL A 16 -26.16 -5.49 8.27
C VAL A 16 -24.64 -5.42 8.19
N ALA A 17 -24.14 -4.59 7.28
CA ALA A 17 -22.70 -4.45 7.10
C ALA A 17 -22.04 -3.91 8.37
N GLY A 18 -22.70 -2.94 8.99
CA GLY A 18 -22.18 -2.36 10.21
C GLY A 18 -22.10 -3.40 11.31
N ARG A 19 -23.14 -4.21 11.43
CA ARG A 19 -23.17 -5.24 12.46
C ARG A 19 -22.02 -6.24 12.24
N LEU A 20 -21.81 -6.63 11.00
CA LEU A 20 -20.75 -7.58 10.67
C LEU A 20 -19.39 -6.99 11.06
N ALA A 21 -19.13 -5.74 10.69
CA ALA A 21 -17.86 -5.11 11.03
C ALA A 21 -17.68 -5.08 12.55
N ALA A 22 -18.75 -4.76 13.26
CA ALA A 22 -18.69 -4.71 14.72
C ALA A 22 -18.41 -6.08 15.29
N GLU A 23 -19.02 -7.10 14.69
CA GLU A 23 -18.83 -8.46 15.16
C GLU A 23 -17.41 -8.95 14.91
N VAL A 24 -16.73 -8.35 13.94
CA VAL A 24 -15.34 -8.75 13.69
C VAL A 24 -14.51 -8.29 14.89
N LEU A 25 -14.80 -7.08 15.37
CA LEU A 25 -14.07 -6.53 16.52
C LEU A 25 -14.41 -7.27 17.79
N GLU A 26 -15.65 -7.70 17.93
CA GLU A 26 -16.08 -8.43 19.11
C GLU A 26 -15.38 -9.79 19.11
N MET A 27 -15.37 -10.42 17.94
CA MET A 27 -14.75 -11.74 17.77
C MET A 27 -13.24 -11.74 18.00
N ILE A 28 -12.57 -10.71 17.51
CA ILE A 28 -11.12 -10.66 17.63
C ILE A 28 -10.55 -10.26 18.99
N GLU A 29 -11.32 -9.54 19.80
CA GLU A 29 -10.85 -9.09 21.09
C GLU A 29 -10.10 -10.12 21.93
N PRO A 30 -10.73 -11.29 22.16
CA PRO A 30 -10.07 -12.35 22.96
C PRO A 30 -8.72 -12.79 22.42
N TYR A 31 -8.49 -12.58 21.13
CA TYR A 31 -7.25 -12.97 20.47
C TYR A 31 -6.12 -11.98 20.66
N VAL A 32 -6.47 -10.74 21.05
CA VAL A 32 -5.48 -9.70 21.23
C VAL A 32 -4.74 -9.82 22.56
N LYS A 33 -3.76 -10.70 22.60
CA LYS A 33 -2.97 -10.87 23.81
C LYS A 33 -1.48 -11.02 23.51
N PRO A 34 -0.63 -10.90 24.55
CA PRO A 34 0.81 -11.02 24.39
C PRO A 34 1.22 -12.25 23.58
N GLY A 35 2.11 -12.05 22.60
CA GLY A 35 2.57 -13.17 21.80
C GLY A 35 1.92 -13.35 20.44
N VAL A 36 0.72 -12.83 20.26
CA VAL A 36 0.05 -12.97 18.97
C VAL A 36 0.66 -11.99 17.99
N SER A 37 0.71 -12.38 16.71
CA SER A 37 1.28 -11.48 15.70
C SER A 37 0.12 -10.74 15.05
N THR A 38 0.41 -9.55 14.55
CA THR A 38 -0.63 -8.76 13.89
C THR A 38 -1.03 -9.47 12.60
N GLY A 39 -0.10 -10.23 12.04
CA GLY A 39 -0.39 -10.96 10.81
C GLY A 39 -1.41 -12.05 11.05
N GLU A 40 -1.30 -12.73 12.18
CA GLU A 40 -2.24 -13.78 12.52
C GLU A 40 -3.61 -13.18 12.83
N LEU A 41 -3.61 -12.03 13.51
CA LEU A 41 -4.87 -11.38 13.84
C LEU A 41 -5.61 -11.03 12.56
N ASP A 42 -4.87 -10.53 11.57
CA ASP A 42 -5.44 -10.17 10.27
C ASP A 42 -6.06 -11.41 9.62
N ARG A 43 -5.33 -12.52 9.67
CA ARG A 43 -5.79 -13.77 9.09
C ARG A 43 -7.06 -14.26 9.77
N ILE A 44 -7.08 -14.16 11.10
CA ILE A 44 -8.24 -14.58 11.88
C ILE A 44 -9.46 -13.76 11.49
N CYS A 45 -9.28 -12.45 11.37
CA CYS A 45 -10.39 -11.58 10.98
C CYS A 45 -10.88 -11.91 9.59
N ASN A 46 -9.95 -12.05 8.65
CA ASN A 46 -10.33 -12.36 7.28
C ASN A 46 -11.03 -13.70 7.15
N ASP A 47 -10.51 -14.72 7.82
CA ASP A 47 -11.14 -16.04 7.75
C ASP A 47 -12.57 -15.93 8.28
N TYR A 48 -12.76 -15.16 9.34
CA TYR A 48 -14.08 -14.99 9.93
C TYR A 48 -15.02 -14.26 8.98
N ILE A 49 -14.53 -13.16 8.42
CA ILE A 49 -15.34 -12.36 7.49
C ILE A 49 -15.76 -13.17 6.27
N VAL A 50 -14.80 -13.83 5.63
CA VAL A 50 -15.08 -14.60 4.43
C VAL A 50 -15.77 -15.94 4.63
N ASN A 51 -15.28 -16.74 5.56
CA ASN A 51 -15.83 -18.07 5.77
C ASN A 51 -17.07 -18.18 6.64
N GLU A 52 -17.22 -17.29 7.62
CA GLU A 52 -18.37 -17.38 8.52
C GLU A 52 -19.43 -16.31 8.26
N GLN A 53 -18.98 -15.08 7.99
CA GLN A 53 -19.93 -13.99 7.71
C GLN A 53 -20.30 -13.99 6.23
N HIS A 54 -19.53 -14.71 5.43
CA HIS A 54 -19.79 -14.77 4.00
C HIS A 54 -19.85 -13.35 3.43
N ALA A 55 -18.94 -12.51 3.93
CA ALA A 55 -18.82 -11.13 3.49
C ALA A 55 -17.37 -10.96 3.03
N VAL A 56 -16.93 -9.73 2.82
CA VAL A 56 -15.55 -9.50 2.39
C VAL A 56 -14.98 -8.27 3.06
N SER A 57 -13.65 -8.23 3.19
CA SER A 57 -13.00 -7.09 3.77
C SER A 57 -12.94 -6.01 2.68
N ALA A 58 -13.38 -4.81 3.01
CA ALA A 58 -13.36 -3.72 2.04
C ALA A 58 -11.93 -3.20 1.92
N CYS A 59 -11.10 -3.53 2.90
CA CYS A 59 -9.71 -3.08 2.93
C CYS A 59 -8.80 -3.86 1.99
N LEU A 60 -9.02 -5.17 1.91
CA LEU A 60 -8.20 -6.04 1.08
C LEU A 60 -8.17 -5.61 -0.39
N GLY A 61 -7.06 -5.02 -0.79
CA GLY A 61 -6.90 -4.56 -2.16
C GLY A 61 -7.29 -3.11 -2.39
N TYR A 62 -8.03 -2.53 -1.47
CA TYR A 62 -8.48 -1.14 -1.59
C TYR A 62 -7.32 -0.16 -1.80
N HIS A 63 -7.31 0.50 -2.93
CA HIS A 63 -6.25 1.45 -3.26
C HIS A 63 -4.88 0.84 -3.08
N GLY A 64 -4.78 -0.47 -3.35
CA GLY A 64 -3.50 -1.15 -3.23
C GLY A 64 -3.16 -1.74 -1.87
N TYR A 65 -4.04 -1.54 -0.89
CA TYR A 65 -3.76 -2.09 0.44
C TYR A 65 -3.65 -3.60 0.33
N PRO A 66 -2.58 -4.18 0.92
CA PRO A 66 -2.32 -5.63 0.89
C PRO A 66 -2.98 -6.55 1.93
N LYS A 67 -3.57 -5.99 2.98
CA LYS A 67 -4.17 -6.82 4.01
C LYS A 67 -5.67 -6.63 4.20
N SER A 68 -6.25 -7.35 5.15
CA SER A 68 -7.70 -7.28 5.40
C SER A 68 -8.14 -6.25 6.43
N VAL A 69 -7.27 -5.97 7.40
CA VAL A 69 -7.56 -4.99 8.43
C VAL A 69 -6.30 -4.16 8.66
N CYS A 70 -6.46 -3.03 9.34
CA CYS A 70 -5.34 -2.18 9.67
C CYS A 70 -5.11 -2.35 11.17
N ILE A 71 -3.87 -2.61 11.54
CA ILE A 71 -3.55 -2.81 12.95
C ILE A 71 -2.42 -1.85 13.30
N SER A 72 -2.76 -0.86 14.12
CA SER A 72 -1.82 0.18 14.50
C SER A 72 -1.44 0.11 15.98
N ILE A 73 -0.18 -0.22 16.22
CA ILE A 73 0.36 -0.37 17.56
C ILE A 73 1.08 0.86 18.08
N ASN A 74 0.78 1.23 19.32
CA ASN A 74 1.41 2.36 20.00
C ASN A 74 1.57 3.64 19.19
N GLU A 75 2.80 3.99 18.82
CA GLU A 75 3.01 5.23 18.07
C GLU A 75 2.50 5.21 16.64
N VAL A 76 2.10 4.04 16.14
CA VAL A 76 1.56 3.96 14.79
C VAL A 76 0.17 4.57 14.88
N VAL A 77 -0.02 5.69 14.18
CA VAL A 77 -1.27 6.43 14.18
C VAL A 77 -2.39 5.71 13.44
N CYS A 78 -2.08 5.16 12.29
CA CYS A 78 -3.08 4.45 11.50
C CYS A 78 -2.45 3.68 10.36
N HIS A 79 -3.29 2.86 9.72
CA HIS A 79 -2.92 2.04 8.58
C HIS A 79 -1.73 1.11 8.80
N GLY A 80 -1.57 0.64 10.03
CA GLY A 80 -0.50 -0.28 10.32
C GLY A 80 -0.78 -1.58 9.57
N ILE A 81 0.22 -2.07 8.83
CA ILE A 81 0.05 -3.28 8.06
C ILE A 81 0.31 -4.54 8.86
N PRO A 82 -0.67 -5.45 8.93
CA PRO A 82 -0.49 -6.69 9.67
C PRO A 82 0.79 -7.36 9.20
N ASP A 83 1.55 -7.89 10.15
CA ASP A 83 2.84 -8.49 9.86
C ASP A 83 3.00 -9.77 10.69
N ASP A 84 3.27 -10.90 10.03
CA ASP A 84 3.41 -12.16 10.74
C ASP A 84 4.56 -12.15 11.74
N ALA A 85 5.49 -11.22 11.58
CA ALA A 85 6.63 -11.13 12.48
C ALA A 85 6.48 -10.11 13.60
N LYS A 86 5.41 -9.32 13.56
CA LYS A 86 5.18 -8.30 14.58
C LYS A 86 4.34 -8.88 15.71
N LEU A 87 4.98 -9.15 16.85
CA LEU A 87 4.29 -9.73 18.00
C LEU A 87 3.87 -8.67 19.02
N LEU A 88 2.65 -8.82 19.55
CA LEU A 88 2.16 -7.88 20.54
C LEU A 88 2.74 -8.22 21.89
N LYS A 89 2.92 -7.20 22.72
CA LYS A 89 3.49 -7.42 24.04
C LYS A 89 2.78 -6.60 25.10
N ASP A 90 3.08 -6.91 26.34
CA ASP A 90 2.52 -6.24 27.50
C ASP A 90 2.55 -4.72 27.38
N GLY A 91 1.41 -4.08 27.64
CA GLY A 91 1.34 -2.63 27.58
C GLY A 91 1.00 -1.99 26.25
N ASP A 92 1.13 -2.74 25.16
CA ASP A 92 0.82 -2.22 23.83
C ASP A 92 -0.64 -1.76 23.73
N ILE A 93 -0.87 -0.66 23.03
CA ILE A 93 -2.24 -0.22 22.79
C ILE A 93 -2.33 -0.47 21.31
N VAL A 94 -3.40 -1.15 20.89
CA VAL A 94 -3.54 -1.53 19.50
C VAL A 94 -4.89 -1.21 18.91
N ASN A 95 -4.89 -0.54 17.76
CA ASN A 95 -6.12 -0.25 17.08
C ASN A 95 -6.26 -1.24 15.95
N ILE A 96 -7.44 -1.82 15.80
CA ILE A 96 -7.69 -2.71 14.68
C ILE A 96 -8.87 -2.02 14.02
N ASP A 97 -8.66 -1.58 12.78
CA ASP A 97 -9.69 -0.90 12.02
C ASP A 97 -10.25 -1.90 11.04
N VAL A 98 -11.55 -2.10 11.10
CA VAL A 98 -12.25 -3.05 10.27
C VAL A 98 -13.26 -2.41 9.34
N THR A 99 -13.35 -2.93 8.12
CA THR A 99 -14.34 -2.45 7.17
C THR A 99 -14.77 -3.66 6.35
N VAL A 100 -16.06 -3.95 6.41
CA VAL A 100 -16.62 -5.09 5.70
C VAL A 100 -17.63 -4.61 4.67
N ILE A 101 -17.73 -5.35 3.58
CA ILE A 101 -18.70 -5.05 2.54
C ILE A 101 -19.64 -6.23 2.51
N LYS A 102 -20.94 -5.96 2.47
CA LYS A 102 -21.93 -7.01 2.41
C LYS A 102 -23.14 -6.44 1.69
N ASP A 103 -23.58 -7.14 0.65
CA ASP A 103 -24.74 -6.70 -0.12
C ASP A 103 -24.50 -5.29 -0.69
N GLY A 104 -23.26 -5.01 -1.04
CA GLY A 104 -22.91 -3.73 -1.62
C GLY A 104 -22.64 -2.57 -0.67
N PHE A 105 -22.84 -2.76 0.63
CA PHE A 105 -22.61 -1.68 1.57
C PHE A 105 -21.49 -1.92 2.58
N HIS A 106 -20.85 -0.82 2.99
CA HIS A 106 -19.73 -0.86 3.93
C HIS A 106 -20.09 -0.61 5.37
N GLY A 107 -19.35 -1.26 6.26
CA GLY A 107 -19.48 -1.12 7.69
C GLY A 107 -18.05 -0.83 8.10
N ASP A 108 -17.79 0.32 8.74
CA ASP A 108 -16.43 0.73 9.09
C ASP A 108 -16.32 1.07 10.57
N THR A 109 -15.45 0.37 11.27
CA THR A 109 -15.29 0.63 12.70
C THR A 109 -13.93 0.16 13.20
N SER A 110 -13.48 0.77 14.30
CA SER A 110 -12.20 0.42 14.90
C SER A 110 -12.29 0.68 16.39
N LYS A 111 -11.40 0.09 17.16
CA LYS A 111 -11.36 0.30 18.59
C LYS A 111 -9.95 0.00 19.03
N MET A 112 -9.63 0.41 20.25
CA MET A 112 -8.31 0.15 20.79
C MET A 112 -8.39 -1.05 21.71
N PHE A 113 -7.33 -1.84 21.71
CA PHE A 113 -7.22 -2.98 22.60
C PHE A 113 -5.91 -2.74 23.33
N ILE A 114 -5.88 -3.03 24.62
CA ILE A 114 -4.64 -2.87 25.37
C ILE A 114 -4.20 -4.29 25.65
N VAL A 115 -2.94 -4.58 25.35
CA VAL A 115 -2.38 -5.91 25.51
C VAL A 115 -1.79 -6.12 26.90
N GLY A 116 -2.17 -7.22 27.54
CA GLY A 116 -1.64 -7.50 28.86
C GLY A 116 -1.91 -6.41 29.86
N LYS A 117 -0.91 -6.10 30.69
CA LYS A 117 -1.07 -5.06 31.70
C LYS A 117 -1.00 -3.67 31.08
N PRO A 118 -2.08 -2.90 31.19
CA PRO A 118 -2.11 -1.55 30.62
C PRO A 118 -1.23 -0.57 31.39
N THR A 119 -0.68 0.41 30.70
CA THR A 119 0.13 1.42 31.35
C THR A 119 -0.86 2.54 31.66
N ILE A 120 -0.57 3.36 32.65
CA ILE A 120 -1.47 4.45 33.03
C ILE A 120 -1.79 5.36 31.85
N MET A 121 -0.77 5.82 31.15
CA MET A 121 -1.00 6.71 30.01
C MET A 121 -1.70 6.00 28.86
N GLY A 122 -1.40 4.71 28.67
CA GLY A 122 -2.04 3.98 27.59
C GLY A 122 -3.54 3.85 27.81
N GLU A 123 -3.93 3.53 29.03
CA GLU A 123 -5.33 3.39 29.34
C GLU A 123 -6.02 4.75 29.22
N ARG A 124 -5.36 5.79 29.73
CA ARG A 124 -5.91 7.15 29.69
C ARG A 124 -6.10 7.64 28.26
N LEU A 125 -5.08 7.48 27.44
CA LEU A 125 -5.17 7.92 26.05
C LEU A 125 -6.31 7.20 25.34
N CYS A 126 -6.42 5.89 25.53
CA CYS A 126 -7.49 5.15 24.88
C CYS A 126 -8.85 5.58 25.37
N ARG A 127 -8.99 5.68 26.69
CA ARG A 127 -10.26 6.11 27.27
C ARG A 127 -10.68 7.49 26.78
N ILE A 128 -9.76 8.45 26.84
CA ILE A 128 -10.05 9.81 26.39
C ILE A 128 -10.42 9.83 24.91
N THR A 129 -9.69 9.06 24.12
CA THR A 129 -9.98 9.02 22.69
C THR A 129 -11.36 8.46 22.44
N GLN A 130 -11.71 7.36 23.09
CA GLN A 130 -13.04 6.79 22.90
C GLN A 130 -14.09 7.80 23.32
N GLU A 131 -13.84 8.51 24.41
CA GLU A 131 -14.79 9.50 24.89
C GLU A 131 -14.91 10.67 23.92
N SER A 132 -13.83 10.96 23.19
CA SER A 132 -13.87 12.05 22.22
C SER A 132 -14.83 11.63 21.11
N LEU A 133 -14.83 10.34 20.80
CA LEU A 133 -15.72 9.79 19.76
C LEU A 133 -17.16 9.81 20.28
N TYR A 134 -17.32 9.43 21.54
CA TYR A 134 -18.64 9.39 22.14
C TYR A 134 -19.26 10.77 22.21
N LEU A 135 -18.48 11.77 22.62
CA LEU A 135 -19.02 13.12 22.72
C LEU A 135 -19.46 13.61 21.34
N ALA A 136 -18.72 13.20 20.31
CA ALA A 136 -19.05 13.60 18.94
C ALA A 136 -20.34 12.92 18.51
N LEU A 137 -20.46 11.64 18.83
CA LEU A 137 -21.66 10.88 18.48
C LEU A 137 -22.89 11.47 19.16
N ARG A 138 -22.73 11.95 20.39
CA ARG A 138 -23.84 12.53 21.13
C ARG A 138 -24.31 13.88 20.59
N MET A 139 -23.57 14.43 19.64
CA MET A 139 -23.93 15.72 19.06
C MET A 139 -24.62 15.54 17.72
N VAL A 140 -24.49 14.36 17.13
CA VAL A 140 -25.08 14.08 15.83
C VAL A 140 -26.60 14.12 15.77
N LYS A 141 -27.12 15.04 14.98
CA LYS A 141 -28.56 15.21 14.79
C LYS A 141 -28.77 16.17 13.64
N PRO A 142 -29.93 16.10 12.99
CA PRO A 142 -30.17 17.04 11.89
C PRO A 142 -30.01 18.48 12.35
N GLY A 143 -29.35 19.29 11.53
CA GLY A 143 -29.17 20.69 11.88
C GLY A 143 -27.82 21.07 12.46
N ILE A 144 -27.18 20.12 13.13
CA ILE A 144 -25.86 20.38 13.70
C ILE A 144 -24.89 20.44 12.55
N ASN A 145 -23.86 21.29 12.66
CA ASN A 145 -22.88 21.39 11.60
C ASN A 145 -21.69 20.50 11.94
N LEU A 146 -21.19 19.76 10.95
CA LEU A 146 -20.04 18.89 11.19
C LEU A 146 -18.88 19.66 11.79
N ARG A 147 -18.78 20.94 11.48
CA ARG A 147 -17.71 21.74 12.02
C ARG A 147 -17.79 21.80 13.53
N GLU A 148 -19.01 21.86 14.06
CA GLU A 148 -19.22 21.93 15.50
C GLU A 148 -18.67 20.68 16.16
N ILE A 149 -18.90 19.53 15.53
CA ILE A 149 -18.42 18.27 16.07
C ILE A 149 -16.90 18.22 16.08
N GLY A 150 -16.27 18.64 14.99
CA GLY A 150 -14.83 18.64 14.93
C GLY A 150 -14.25 19.55 16.00
N ALA A 151 -14.89 20.70 16.20
CA ALA A 151 -14.44 21.65 17.21
C ALA A 151 -14.53 21.05 18.61
N ALA A 152 -15.63 20.36 18.88
CA ALA A 152 -15.85 19.74 20.18
C ALA A 152 -14.81 18.66 20.46
N ILE A 153 -14.53 17.83 19.46
CA ILE A 153 -13.53 16.77 19.64
C ILE A 153 -12.18 17.37 19.99
N GLN A 154 -11.72 18.32 19.19
CA GLN A 154 -10.43 18.95 19.43
C GLN A 154 -10.36 19.58 20.81
N LYS A 155 -11.37 20.36 21.17
CA LYS A 155 -11.39 21.03 22.46
C LYS A 155 -11.27 20.03 23.60
N PHE A 156 -12.01 18.94 23.51
CA PHE A 156 -11.97 17.91 24.53
C PHE A 156 -10.59 17.25 24.63
N VAL A 157 -10.08 16.83 23.48
CA VAL A 157 -8.77 16.16 23.40
C VAL A 157 -7.61 17.02 23.91
N GLU A 158 -7.55 18.27 23.45
CA GLU A 158 -6.48 19.17 23.87
C GLU A 158 -6.57 19.53 25.36
N ALA A 159 -7.79 19.56 25.89
CA ALA A 159 -7.98 19.87 27.31
C ALA A 159 -7.44 18.73 28.16
N GLU A 160 -7.23 17.58 27.53
CA GLU A 160 -6.71 16.42 28.23
C GLU A 160 -5.21 16.27 27.96
N GLY A 161 -4.63 17.29 27.34
CA GLY A 161 -3.20 17.27 27.07
C GLY A 161 -2.78 16.49 25.83
N PHE A 162 -3.75 16.05 25.04
CA PHE A 162 -3.46 15.30 23.84
C PHE A 162 -3.67 16.15 22.59
N SER A 163 -3.28 15.62 21.44
CA SER A 163 -3.44 16.35 20.19
C SER A 163 -4.27 15.55 19.19
N VAL A 164 -4.93 16.27 18.29
CA VAL A 164 -5.75 15.63 17.28
C VAL A 164 -5.00 15.61 15.96
N VAL A 165 -4.92 14.44 15.33
CA VAL A 165 -4.24 14.33 14.05
C VAL A 165 -5.11 15.04 13.00
N ARG A 166 -4.50 15.97 12.28
CA ARG A 166 -5.21 16.76 11.28
C ARG A 166 -5.40 16.11 9.92
N GLU A 167 -4.35 15.43 9.45
CA GLU A 167 -4.37 14.80 8.14
C GLU A 167 -5.54 13.88 7.84
N TYR A 168 -5.81 12.94 8.74
CA TYR A 168 -6.88 11.98 8.53
C TYR A 168 -8.22 12.39 9.14
N CYS A 169 -9.30 11.94 8.51
CA CYS A 169 -10.63 12.32 8.96
C CYS A 169 -11.69 11.23 8.82
N GLY A 170 -12.87 11.52 9.35
CA GLY A 170 -13.99 10.60 9.24
C GLY A 170 -14.46 10.76 7.82
N HIS A 171 -15.45 9.99 7.39
CA HIS A 171 -15.87 10.09 6.00
C HIS A 171 -17.24 9.54 5.72
N GLY A 172 -17.86 10.04 4.65
CA GLY A 172 -19.16 9.52 4.27
C GLY A 172 -18.88 8.06 3.94
N ILE A 173 -19.92 7.24 3.90
CA ILE A 173 -19.75 5.83 3.59
C ILE A 173 -21.06 5.21 3.15
N GLY A 174 -20.98 4.20 2.29
CA GLY A 174 -22.17 3.55 1.79
C GLY A 174 -21.73 2.49 0.80
N ARG A 175 -22.08 2.65 -0.46
CA ARG A 175 -21.64 1.70 -1.47
C ARG A 175 -20.15 1.97 -1.68
N GLY A 176 -19.72 3.15 -1.26
CA GLY A 176 -18.32 3.52 -1.38
C GLY A 176 -17.68 3.49 0.00
N PHE A 177 -16.39 3.18 0.05
CA PHE A 177 -15.66 3.11 1.31
C PHE A 177 -15.53 4.51 1.90
N HIS A 178 -14.90 5.42 1.15
CA HIS A 178 -14.71 6.79 1.60
C HIS A 178 -15.43 7.77 0.69
N GLU A 179 -16.62 8.18 1.09
CA GLU A 179 -17.40 9.13 0.31
C GLU A 179 -17.45 10.47 1.04
N GLU A 180 -18.01 11.47 0.38
CA GLU A 180 -18.16 12.78 0.98
C GLU A 180 -19.23 12.58 2.06
N PRO A 181 -19.21 13.43 3.11
CA PRO A 181 -18.26 14.51 3.32
C PRO A 181 -17.08 14.07 4.18
N GLN A 182 -16.10 14.96 4.31
CA GLN A 182 -14.95 14.68 5.15
C GLN A 182 -15.42 15.07 6.55
N VAL A 183 -15.04 14.28 7.55
CA VAL A 183 -15.43 14.59 8.90
C VAL A 183 -14.15 14.88 9.68
N LEU A 184 -13.73 16.13 9.65
CA LEU A 184 -12.52 16.55 10.35
C LEU A 184 -12.77 16.45 11.84
N HIS A 185 -11.71 16.15 12.60
CA HIS A 185 -11.85 16.00 14.04
C HIS A 185 -11.29 17.20 14.81
N TYR A 186 -11.25 18.34 14.13
CA TYR A 186 -10.77 19.57 14.75
C TYR A 186 -11.57 20.71 14.15
N ASP A 187 -11.50 21.88 14.75
CA ASP A 187 -12.24 23.03 14.24
C ASP A 187 -11.58 23.62 13.00
N SER A 188 -12.34 23.65 11.91
CA SER A 188 -11.86 24.17 10.64
C SER A 188 -12.95 24.94 9.92
N ARG A 189 -12.63 26.13 9.43
CA ARG A 189 -13.60 26.94 8.71
C ARG A 189 -13.89 26.28 7.37
N GLU A 190 -13.05 25.32 7.01
CA GLU A 190 -13.22 24.59 5.76
C GLU A 190 -14.49 23.76 5.84
N THR A 191 -14.88 23.43 7.07
CA THR A 191 -16.05 22.60 7.32
C THR A 191 -17.35 23.37 7.47
N ASN A 192 -18.28 23.14 6.55
CA ASN A 192 -19.59 23.77 6.58
C ASN A 192 -20.60 22.78 6.03
N VAL A 193 -20.96 21.80 6.86
CA VAL A 193 -21.92 20.79 6.46
C VAL A 193 -23.00 20.64 7.51
N VAL A 194 -24.24 20.92 7.14
CA VAL A 194 -25.35 20.79 8.06
C VAL A 194 -25.91 19.38 7.90
N LEU A 195 -25.91 18.63 8.99
CA LEU A 195 -26.39 17.26 8.96
C LEU A 195 -27.87 17.17 8.60
N LYS A 196 -28.20 16.14 7.83
CA LYS A 196 -29.56 15.89 7.39
C LYS A 196 -29.87 14.41 7.55
N PRO A 197 -31.15 14.05 7.78
CA PRO A 197 -31.49 12.64 7.95
C PRO A 197 -31.11 11.80 6.73
N GLY A 198 -30.58 10.61 6.98
CA GLY A 198 -30.20 9.74 5.89
C GLY A 198 -28.73 9.77 5.53
N MET A 199 -28.01 10.78 6.02
CA MET A 199 -26.59 10.89 5.77
C MET A 199 -25.90 9.80 6.56
N THR A 200 -24.96 9.11 5.94
CA THR A 200 -24.23 8.07 6.66
C THR A 200 -22.74 8.38 6.57
N PHE A 201 -22.08 8.39 7.73
CA PHE A 201 -20.65 8.66 7.74
C PHE A 201 -19.99 8.10 8.98
N THR A 202 -18.68 8.26 9.05
CA THR A 202 -17.93 7.75 10.18
C THR A 202 -17.31 8.90 10.93
N ILE A 203 -16.96 8.63 12.18
CA ILE A 203 -16.26 9.58 13.01
C ILE A 203 -15.17 8.68 13.55
N GLU A 204 -13.92 9.08 13.37
CA GLU A 204 -12.79 8.25 13.79
C GLU A 204 -11.59 9.07 14.21
N PRO A 205 -11.70 9.83 15.30
CA PRO A 205 -10.60 10.67 15.77
C PRO A 205 -9.32 9.89 16.09
N MET A 206 -8.20 10.40 15.60
CA MET A 206 -6.89 9.83 15.88
C MET A 206 -6.27 10.84 16.83
N VAL A 207 -5.93 10.38 18.03
CA VAL A 207 -5.39 11.25 19.06
C VAL A 207 -4.00 10.84 19.53
N ASN A 208 -3.07 11.78 19.55
CA ASN A 208 -1.71 11.49 20.00
C ASN A 208 -1.49 11.99 21.42
N ALA A 209 -0.68 11.27 22.18
CA ALA A 209 -0.38 11.68 23.55
C ALA A 209 0.52 12.91 23.49
N GLY A 210 1.33 12.99 22.43
CA GLY A 210 2.24 14.12 22.28
C GLY A 210 1.75 15.12 21.25
N LYS A 211 2.66 15.57 20.39
CA LYS A 211 2.33 16.54 19.36
C LYS A 211 1.50 15.94 18.22
N LYS A 212 0.81 16.81 17.50
CA LYS A 212 -0.07 16.40 16.40
C LYS A 212 0.60 15.90 15.13
N GLU A 213 1.84 16.31 14.89
CA GLU A 213 2.56 15.92 13.68
C GLU A 213 2.71 14.42 13.46
N ILE A 214 2.58 14.00 12.21
CA ILE A 214 2.71 12.59 11.85
C ILE A 214 3.69 12.42 10.70
N ARG A 215 4.05 11.17 10.42
CA ARG A 215 4.98 10.84 9.36
C ARG A 215 4.62 9.49 8.76
N THR A 216 4.70 9.38 7.43
CA THR A 216 4.39 8.13 6.76
C THR A 216 5.66 7.29 6.69
N MET A 217 5.53 6.00 7.00
CA MET A 217 6.67 5.10 6.99
C MET A 217 7.00 4.57 5.59
N LYS A 218 8.11 3.82 5.50
CA LYS A 218 8.59 3.27 4.24
C LYS A 218 7.63 2.41 3.44
N ASP A 219 6.66 1.78 4.09
CA ASP A 219 5.71 0.94 3.37
C ASP A 219 4.62 1.76 2.69
N GLY A 220 4.66 3.07 2.88
CA GLY A 220 3.69 3.96 2.27
C GLY A 220 2.30 3.95 2.88
N TRP A 221 2.10 3.18 3.94
CA TRP A 221 0.80 3.11 4.60
C TRP A 221 0.90 3.47 6.07
N THR A 222 1.76 2.75 6.78
CA THR A 222 1.95 2.96 8.21
C THR A 222 2.32 4.40 8.52
N VAL A 223 1.53 5.03 9.37
CA VAL A 223 1.77 6.41 9.79
C VAL A 223 2.15 6.40 11.26
N LYS A 224 3.19 7.14 11.61
CA LYS A 224 3.62 7.21 13.00
C LYS A 224 3.64 8.66 13.47
N THR A 225 3.56 8.85 14.77
CA THR A 225 3.61 10.18 15.33
C THR A 225 5.04 10.66 15.09
N LYS A 226 5.17 11.93 14.73
CA LYS A 226 6.49 12.48 14.46
C LYS A 226 7.39 12.41 15.69
N ASP A 227 6.81 12.64 16.86
CA ASP A 227 7.57 12.61 18.10
C ASP A 227 7.59 11.23 18.77
N ARG A 228 7.03 10.24 18.08
CA ARG A 228 6.98 8.87 18.61
C ARG A 228 6.12 8.67 19.85
N SER A 229 5.20 9.59 20.10
CA SER A 229 4.31 9.46 21.25
C SER A 229 3.21 8.47 20.89
N LEU A 230 2.51 7.96 21.90
CA LEU A 230 1.43 7.01 21.67
C LEU A 230 0.27 7.68 20.93
N SER A 231 -0.47 6.89 20.17
CA SER A 231 -1.61 7.40 19.42
C SER A 231 -2.77 6.42 19.59
N ALA A 232 -3.99 6.93 19.58
CA ALA A 232 -5.15 6.07 19.74
C ALA A 232 -6.27 6.52 18.82
N GLN A 233 -7.15 5.59 18.46
CA GLN A 233 -8.27 5.90 17.58
C GLN A 233 -9.43 4.95 17.82
N TYR A 234 -10.64 5.48 17.67
CA TYR A 234 -11.85 4.68 17.78
C TYR A 234 -12.71 5.16 16.63
N GLU A 235 -13.57 4.29 16.13
CA GLU A 235 -14.41 4.66 15.00
C GLU A 235 -15.75 3.93 14.99
N HIS A 236 -16.77 4.63 14.52
CA HIS A 236 -18.09 4.06 14.37
C HIS A 236 -18.68 4.63 13.11
N THR A 237 -19.55 3.85 12.49
CA THR A 237 -20.25 4.27 11.28
C THR A 237 -21.65 4.58 11.79
N ILE A 238 -22.22 5.69 11.34
CA ILE A 238 -23.54 6.06 11.80
C ILE A 238 -24.41 6.55 10.67
N VAL A 239 -25.70 6.63 10.95
CA VAL A 239 -26.65 7.16 10.01
C VAL A 239 -27.38 8.25 10.80
N VAL A 240 -27.59 9.41 10.18
CA VAL A 240 -28.29 10.48 10.86
C VAL A 240 -29.77 10.16 10.74
N THR A 241 -30.46 10.21 11.86
CA THR A 241 -31.90 9.92 11.89
C THR A 241 -32.67 11.24 11.92
N ASP A 242 -33.98 11.17 12.03
CA ASP A 242 -34.79 12.38 12.04
C ASP A 242 -34.52 13.26 13.27
N ASN A 243 -34.08 12.65 14.36
CA ASN A 243 -33.84 13.44 15.56
C ASN A 243 -32.57 13.06 16.31
N GLY A 244 -31.62 12.46 15.62
CA GLY A 244 -30.38 12.06 16.27
C GLY A 244 -29.56 11.20 15.34
N CYS A 245 -29.15 10.03 15.82
CA CYS A 245 -28.38 9.14 14.97
C CYS A 245 -28.46 7.71 15.46
N GLU A 246 -28.04 6.79 14.60
CA GLU A 246 -28.02 5.39 14.93
C GLU A 246 -26.62 4.91 14.63
N ILE A 247 -25.96 4.35 15.63
CA ILE A 247 -24.60 3.84 15.46
C ILE A 247 -24.78 2.45 14.89
N LEU A 248 -24.33 2.28 13.65
CA LEU A 248 -24.47 1.03 12.94
C LEU A 248 -23.43 -0.02 13.25
N THR A 249 -22.37 0.37 13.95
CA THR A 249 -21.32 -0.57 14.29
C THR A 249 -21.15 -0.73 15.81
N LEU A 250 -22.24 -0.56 16.55
CA LEU A 250 -22.17 -0.68 18.00
C LEU A 250 -21.80 -2.10 18.42
N ARG A 251 -20.99 -2.22 19.46
CA ARG A 251 -20.57 -3.51 19.97
C ARG A 251 -21.15 -3.71 21.36
N LYS A 252 -21.03 -4.93 21.87
CA LYS A 252 -21.54 -5.24 23.19
C LYS A 252 -20.77 -4.50 24.27
N ASP A 253 -19.51 -4.15 23.99
CA ASP A 253 -18.69 -3.44 24.97
C ASP A 253 -18.81 -1.92 24.91
N ASP A 254 -19.44 -1.40 23.85
CA ASP A 254 -19.60 0.04 23.76
C ASP A 254 -20.43 0.50 24.96
N THR A 255 -20.14 1.70 25.44
CA THR A 255 -20.86 2.24 26.58
C THR A 255 -21.66 3.47 26.17
N ILE A 256 -22.21 3.39 24.99
CA ILE A 256 -23.07 4.44 24.43
C ILE A 256 -24.18 3.66 23.72
N PRO A 257 -25.43 4.16 23.80
CA PRO A 257 -26.57 3.49 23.16
C PRO A 257 -26.48 3.53 21.63
N ALA A 258 -27.11 2.54 20.99
CA ALA A 258 -27.10 2.46 19.52
C ALA A 258 -27.97 3.54 18.91
N ILE A 259 -29.11 3.81 19.54
CA ILE A 259 -30.02 4.83 19.05
C ILE A 259 -30.01 6.03 19.98
N ILE A 260 -29.57 7.17 19.44
CA ILE A 260 -29.50 8.40 20.21
C ILE A 260 -30.52 9.39 19.67
N SER A 261 -31.36 9.91 20.55
CA SER A 261 -32.39 10.85 20.14
C SER A 261 -32.32 12.16 20.90
N HIS A 262 -32.65 13.25 20.22
CA HIS A 262 -32.63 14.58 20.81
C HIS A 262 -34.03 15.20 20.75
N ASP A 263 -34.11 16.47 21.11
CA ASP A 263 -35.39 17.22 21.09
C ASP A 263 -35.32 18.46 22.00
N SER B 4 1.69 5.19 -26.88
CA SER B 4 0.43 4.90 -27.61
C SER B 4 -0.59 4.25 -26.68
N ILE B 5 -1.79 4.06 -27.20
CA ILE B 5 -2.87 3.46 -26.45
C ILE B 5 -3.14 2.04 -26.94
N LYS B 6 -3.02 1.07 -26.03
CA LYS B 6 -3.24 -0.32 -26.38
C LYS B 6 -4.73 -0.61 -26.41
N THR B 7 -5.13 -1.51 -27.29
CA THR B 7 -6.53 -1.92 -27.41
C THR B 7 -6.73 -3.01 -26.38
N PRO B 8 -8.00 -3.32 -26.04
CA PRO B 8 -8.21 -4.39 -25.06
C PRO B 8 -7.58 -5.70 -25.51
N GLU B 9 -7.51 -5.91 -26.83
CA GLU B 9 -6.91 -7.12 -27.38
C GLU B 9 -5.41 -7.13 -27.07
N ASP B 10 -4.77 -5.98 -27.27
CA ASP B 10 -3.32 -5.86 -27.01
C ASP B 10 -3.07 -6.09 -25.53
N ILE B 11 -3.91 -5.50 -24.70
CA ILE B 11 -3.78 -5.61 -23.26
C ILE B 11 -3.87 -7.07 -22.82
N GLU B 12 -4.74 -7.84 -23.46
CA GLU B 12 -4.88 -9.24 -23.11
C GLU B 12 -3.60 -10.00 -23.44
N LYS B 13 -2.99 -9.66 -24.58
CA LYS B 13 -1.76 -10.33 -24.98
C LYS B 13 -0.65 -9.91 -24.03
N MET B 14 -0.71 -8.68 -23.55
CA MET B 14 0.30 -8.21 -22.62
C MET B 14 0.13 -8.85 -21.25
N ARG B 15 -1.10 -9.23 -20.92
CA ARG B 15 -1.33 -9.89 -19.65
C ARG B 15 -0.61 -11.23 -19.71
N VAL B 16 -0.77 -11.90 -20.84
CA VAL B 16 -0.14 -13.21 -21.03
C VAL B 16 1.38 -13.09 -21.00
N ALA B 17 1.91 -12.11 -21.73
CA ALA B 17 3.36 -11.92 -21.77
C ALA B 17 3.87 -11.52 -20.39
N GLY B 18 3.16 -10.62 -19.73
CA GLY B 18 3.57 -10.18 -18.42
C GLY B 18 3.56 -11.33 -17.43
N ARG B 19 2.55 -12.20 -17.55
CA ARG B 19 2.43 -13.36 -16.68
C ARG B 19 3.65 -14.25 -16.85
N LEU B 20 4.02 -14.52 -18.11
CA LEU B 20 5.18 -15.38 -18.38
C LEU B 20 6.44 -14.76 -17.80
N ALA B 21 6.61 -13.46 -18.01
CA ALA B 21 7.79 -12.75 -17.51
C ALA B 21 7.87 -12.92 -16.00
N ALA B 22 6.74 -12.75 -15.33
CA ALA B 22 6.68 -12.89 -13.88
C ALA B 22 6.98 -14.31 -13.46
N GLU B 23 6.46 -15.28 -14.22
CA GLU B 23 6.68 -16.68 -13.88
C GLU B 23 8.13 -17.09 -14.05
N VAL B 24 8.88 -16.37 -14.88
CA VAL B 24 10.29 -16.69 -15.05
C VAL B 24 10.97 -16.38 -13.73
N LEU B 25 10.60 -15.26 -13.12
CA LEU B 25 11.17 -14.86 -11.84
C LEU B 25 10.76 -15.80 -10.71
N GLU B 26 9.50 -16.23 -10.72
CA GLU B 26 9.05 -17.15 -9.67
C GLU B 26 9.77 -18.48 -9.83
N MET B 27 10.11 -18.83 -11.07
CA MET B 27 10.79 -20.09 -11.36
C MET B 27 12.26 -20.08 -10.96
N ILE B 28 12.96 -19.01 -11.31
CA ILE B 28 14.38 -18.91 -11.04
C ILE B 28 14.75 -18.69 -9.58
N GLU B 29 13.84 -18.07 -8.84
CA GLU B 29 14.07 -17.75 -7.43
C GLU B 29 14.81 -18.77 -6.57
N PRO B 30 14.31 -20.02 -6.47
CA PRO B 30 14.99 -21.01 -5.65
C PRO B 30 16.43 -21.31 -6.06
N TYR B 31 16.76 -21.01 -7.30
CA TYR B 31 18.10 -21.30 -7.82
C TYR B 31 19.13 -20.19 -7.63
N VAL B 32 18.69 -19.01 -7.22
CA VAL B 32 19.64 -17.90 -7.00
C VAL B 32 20.27 -18.13 -5.64
N LYS B 33 21.28 -18.99 -5.62
CA LYS B 33 21.97 -19.30 -4.37
C LYS B 33 23.48 -19.22 -4.49
N PRO B 34 24.17 -19.21 -3.35
CA PRO B 34 25.64 -19.14 -3.34
C PRO B 34 26.24 -20.27 -4.17
N GLY B 35 27.25 -19.94 -4.96
CA GLY B 35 27.89 -20.97 -5.76
C GLY B 35 27.39 -21.10 -7.19
N VAL B 36 26.19 -20.61 -7.47
CA VAL B 36 25.65 -20.69 -8.81
C VAL B 36 26.21 -19.55 -9.65
N SER B 37 26.42 -19.80 -10.95
CA SER B 37 26.96 -18.77 -11.83
C SER B 37 25.78 -18.04 -12.47
N THR B 38 25.99 -16.77 -12.81
CA THR B 38 24.91 -16.02 -13.44
C THR B 38 24.68 -16.57 -14.84
N GLY B 39 25.70 -17.19 -15.40
CA GLY B 39 25.56 -17.77 -16.73
C GLY B 39 24.59 -18.94 -16.68
N GLU B 40 24.65 -19.69 -15.59
CA GLU B 40 23.77 -20.83 -15.39
C GLU B 40 22.34 -20.34 -15.19
N LEU B 41 22.19 -19.29 -14.38
CA LEU B 41 20.86 -18.75 -14.13
C LEU B 41 20.24 -18.29 -15.43
N ASP B 42 21.05 -17.72 -16.31
CA ASP B 42 20.58 -17.24 -17.61
C ASP B 42 20.10 -18.41 -18.46
N ARG B 43 20.84 -19.50 -18.49
CA ARG B 43 20.43 -20.67 -19.27
C ARG B 43 19.14 -21.27 -18.73
N ILE B 44 19.01 -21.33 -17.41
CA ILE B 44 17.81 -21.87 -16.79
C ILE B 44 16.62 -21.04 -17.23
N CYS B 45 16.76 -19.72 -17.15
CA CYS B 45 15.68 -18.82 -17.56
C CYS B 45 15.35 -19.01 -19.03
N ASN B 46 16.38 -19.03 -19.87
CA ASN B 46 16.16 -19.16 -21.30
C ASN B 46 15.48 -20.48 -21.67
N ASP B 47 15.97 -21.58 -21.11
CA ASP B 47 15.39 -22.89 -21.39
C ASP B 47 13.92 -22.90 -21.02
N TYR B 48 13.60 -22.27 -19.89
CA TYR B 48 12.23 -22.21 -19.42
C TYR B 48 11.36 -21.39 -20.36
N ILE B 49 11.88 -20.24 -20.79
CA ILE B 49 11.15 -19.37 -21.69
C ILE B 49 10.86 -20.03 -23.03
N VAL B 50 11.89 -20.63 -23.62
CA VAL B 50 11.77 -21.27 -24.92
C VAL B 50 11.09 -22.65 -24.91
N ASN B 51 11.54 -23.53 -24.01
CA ASN B 51 10.99 -24.88 -23.97
C ASN B 51 9.68 -25.07 -23.21
N GLU B 52 9.49 -24.33 -22.12
CA GLU B 52 8.26 -24.47 -21.35
C GLU B 52 7.18 -23.46 -21.74
N GLN B 53 7.54 -22.19 -21.81
CA GLN B 53 6.57 -21.16 -22.15
C GLN B 53 6.34 -20.99 -23.64
N HIS B 54 7.24 -21.56 -24.45
CA HIS B 54 7.12 -21.45 -25.90
C HIS B 54 7.07 -19.98 -26.30
N ALA B 55 7.89 -19.19 -25.64
CA ALA B 55 7.98 -17.76 -25.90
C ALA B 55 9.44 -17.50 -26.21
N VAL B 56 9.88 -16.25 -26.14
CA VAL B 56 11.27 -15.94 -26.42
C VAL B 56 11.71 -14.73 -25.62
N SER B 57 13.01 -14.67 -25.31
CA SER B 57 13.53 -13.53 -24.58
C SER B 57 13.67 -12.34 -25.52
N ALA B 58 13.19 -11.19 -25.08
CA ALA B 58 13.28 -9.98 -25.89
C ALA B 58 14.69 -9.39 -25.74
N CYS B 59 15.38 -9.84 -24.70
CA CYS B 59 16.72 -9.35 -24.43
C CYS B 59 17.75 -9.85 -25.43
N LEU B 60 17.64 -11.12 -25.77
CA LEU B 60 18.56 -11.78 -26.68
C LEU B 60 18.65 -11.16 -28.07
N GLY B 61 19.80 -10.55 -28.36
CA GLY B 61 20.00 -9.93 -29.66
C GLY B 61 19.51 -8.50 -29.73
N TYR B 62 18.79 -8.06 -28.69
CA TYR B 62 18.27 -6.69 -28.67
C TYR B 62 19.44 -5.72 -28.63
N HIS B 63 19.63 -5.00 -29.73
CA HIS B 63 20.72 -4.05 -29.85
C HIS B 63 22.05 -4.70 -29.54
N GLY B 64 22.14 -6.00 -29.81
CA GLY B 64 23.38 -6.71 -29.58
C GLY B 64 23.52 -7.43 -28.25
N TYR B 65 22.61 -7.20 -27.32
CA TYR B 65 22.72 -7.86 -26.02
C TYR B 65 22.91 -9.36 -26.24
N PRO B 66 23.98 -9.93 -25.68
CA PRO B 66 24.34 -11.35 -25.80
C PRO B 66 23.60 -12.41 -24.99
N LYS B 67 22.85 -12.03 -23.97
CA LYS B 67 22.15 -13.03 -23.16
C LYS B 67 20.63 -12.92 -23.15
N SER B 68 19.98 -13.77 -22.37
CA SER B 68 18.52 -13.78 -22.30
C SER B 68 17.88 -12.93 -21.21
N VAL B 69 18.61 -12.69 -20.13
CA VAL B 69 18.14 -11.87 -19.03
C VAL B 69 19.33 -11.05 -18.55
N CYS B 70 19.06 -9.99 -17.81
CA CYS B 70 20.12 -9.16 -17.26
C CYS B 70 20.26 -9.53 -15.80
N ILE B 71 21.48 -9.78 -15.36
CA ILE B 71 21.73 -10.15 -13.97
C ILE B 71 22.75 -9.17 -13.44
N SER B 72 22.28 -8.26 -12.59
CA SER B 72 23.12 -7.21 -12.04
C SER B 72 23.39 -7.43 -10.56
N ILE B 73 24.65 -7.65 -10.24
CA ILE B 73 25.07 -7.92 -8.86
C ILE B 73 25.65 -6.72 -8.14
N ASN B 74 25.16 -6.48 -6.93
CA ASN B 74 25.67 -5.40 -6.08
C ASN B 74 25.80 -4.03 -6.74
N GLU B 75 27.04 -3.57 -6.93
CA GLU B 75 27.29 -2.26 -7.53
C GLU B 75 26.88 -2.15 -9.00
N VAL B 76 26.60 -3.28 -9.64
CA VAL B 76 26.16 -3.24 -11.03
C VAL B 76 24.73 -2.72 -10.99
N VAL B 77 24.54 -1.54 -11.55
CA VAL B 77 23.23 -0.90 -11.58
C VAL B 77 22.24 -1.62 -12.48
N CYS B 78 22.71 -2.00 -13.66
CA CYS B 78 21.84 -2.68 -14.60
C CYS B 78 22.61 -3.25 -15.77
N HIS B 79 21.90 -4.04 -16.57
CA HIS B 79 22.44 -4.67 -17.77
C HIS B 79 23.64 -5.55 -17.52
N GLY B 80 23.70 -6.12 -16.32
CA GLY B 80 24.79 -7.02 -15.99
C GLY B 80 24.64 -8.22 -16.90
N ILE B 81 25.74 -8.62 -17.54
CA ILE B 81 25.73 -9.73 -18.47
C ILE B 81 26.04 -11.07 -17.80
N PRO B 82 25.11 -12.04 -17.90
CA PRO B 82 25.34 -13.35 -17.30
C PRO B 82 26.66 -13.92 -17.77
N ASP B 83 27.41 -14.53 -16.84
CA ASP B 83 28.72 -15.09 -17.17
C ASP B 83 28.90 -16.37 -16.39
N ASP B 84 29.36 -17.43 -17.06
CA ASP B 84 29.57 -18.71 -16.40
C ASP B 84 30.64 -18.67 -15.32
N ALA B 85 31.50 -17.67 -15.37
CA ALA B 85 32.58 -17.54 -14.40
C ALA B 85 32.21 -16.67 -13.21
N LYS B 86 31.07 -15.98 -13.28
CA LYS B 86 30.66 -15.11 -12.19
C LYS B 86 29.76 -15.87 -11.23
N LEU B 87 30.32 -16.23 -10.08
CA LEU B 87 29.57 -16.98 -9.07
C LEU B 87 28.99 -16.10 -7.97
N LEU B 88 27.75 -16.39 -7.59
CA LEU B 88 27.09 -15.63 -6.54
C LEU B 88 27.65 -16.08 -5.21
N LYS B 89 27.71 -15.14 -4.26
CA LYS B 89 28.24 -15.45 -2.94
C LYS B 89 27.36 -14.82 -1.87
N ASP B 90 27.51 -15.31 -0.65
CA ASP B 90 26.76 -14.82 0.49
C ASP B 90 26.73 -13.30 0.56
N GLY B 91 25.55 -12.74 0.79
CA GLY B 91 25.41 -11.29 0.91
C GLY B 91 25.16 -10.53 -0.38
N ASP B 92 25.34 -11.17 -1.52
CA ASP B 92 25.12 -10.49 -2.80
C ASP B 92 23.66 -10.10 -2.96
N ILE B 93 23.40 -8.94 -3.53
CA ILE B 93 22.02 -8.57 -3.82
C ILE B 93 22.05 -8.66 -5.34
N VAL B 94 21.08 -9.35 -5.90
CA VAL B 94 21.08 -9.56 -7.34
C VAL B 94 19.76 -9.24 -8.00
N ASN B 95 19.81 -8.46 -9.08
CA ASN B 95 18.61 -8.16 -9.83
C ASN B 95 18.61 -9.03 -11.07
N ILE B 96 17.47 -9.63 -11.38
CA ILE B 96 17.34 -10.40 -12.59
C ILE B 96 16.20 -9.71 -13.30
N ASP B 97 16.52 -9.12 -14.45
CA ASP B 97 15.54 -8.40 -15.24
C ASP B 97 15.18 -9.27 -16.42
N VAL B 98 13.91 -9.63 -16.47
CA VAL B 98 13.35 -10.50 -17.50
C VAL B 98 12.41 -9.74 -18.43
N THR B 99 12.47 -10.09 -19.71
CA THR B 99 11.57 -9.50 -20.69
C THR B 99 11.29 -10.60 -21.69
N VAL B 100 10.02 -11.01 -21.76
CA VAL B 100 9.63 -12.06 -22.67
C VAL B 100 8.67 -11.55 -23.74
N ILE B 101 8.74 -12.14 -24.92
CA ILE B 101 7.85 -11.78 -26.00
C ILE B 101 6.96 -12.99 -26.22
N LYS B 102 5.66 -12.76 -26.26
CA LYS B 102 4.71 -13.83 -26.47
C LYS B 102 3.56 -13.27 -27.30
N ASP B 103 3.33 -13.89 -28.46
CA ASP B 103 2.26 -13.46 -29.35
C ASP B 103 2.54 -12.03 -29.78
N GLY B 104 3.83 -11.71 -29.92
CA GLY B 104 4.23 -10.39 -30.36
C GLY B 104 4.30 -9.29 -29.32
N PHE B 105 3.91 -9.58 -28.09
CA PHE B 105 3.94 -8.57 -27.04
C PHE B 105 4.95 -8.84 -25.94
N HIS B 106 5.46 -7.75 -25.36
CA HIS B 106 6.48 -7.82 -24.32
C HIS B 106 5.93 -7.78 -22.89
N GLY B 107 6.65 -8.49 -22.01
CA GLY B 107 6.33 -8.53 -20.59
C GLY B 107 7.71 -8.26 -19.99
N ASP B 108 7.83 -7.17 -19.22
CA ASP B 108 9.10 -6.75 -18.65
C ASP B 108 9.01 -6.61 -17.13
N THR B 109 9.87 -7.30 -16.40
CA THR B 109 9.83 -7.22 -14.95
C THR B 109 11.15 -7.70 -14.34
N SER B 110 11.45 -7.21 -13.14
CA SER B 110 12.67 -7.60 -12.45
C SER B 110 12.44 -7.52 -10.95
N LYS B 111 13.26 -8.24 -10.20
CA LYS B 111 13.16 -8.19 -8.76
C LYS B 111 14.55 -8.46 -8.22
N MET B 112 14.74 -8.12 -6.95
CA MET B 112 16.03 -8.35 -6.32
C MET B 112 15.98 -9.67 -5.56
N PHE B 113 17.12 -10.35 -5.53
CA PHE B 113 17.26 -11.61 -4.80
C PHE B 113 18.48 -11.38 -3.95
N ILE B 114 18.44 -11.79 -2.69
CA ILE B 114 19.61 -11.65 -1.83
C ILE B 114 20.15 -13.06 -1.65
N VAL B 115 21.42 -13.24 -1.96
CA VAL B 115 22.08 -14.53 -1.89
C VAL B 115 22.55 -14.86 -0.47
N GLY B 116 22.25 -16.06 -0.02
CA GLY B 116 22.67 -16.48 1.31
C GLY B 116 22.27 -15.51 2.41
N LYS B 117 23.20 -15.26 3.33
CA LYS B 117 22.94 -14.37 4.45
C LYS B 117 22.94 -12.92 3.98
N PRO B 118 21.82 -12.22 4.15
CA PRO B 118 21.75 -10.82 3.72
C PRO B 118 22.56 -9.86 4.59
N THR B 119 23.03 -8.78 3.98
CA THR B 119 23.75 -7.77 4.73
C THR B 119 22.66 -6.78 5.09
N ILE B 120 22.83 -6.08 6.21
CA ILE B 120 21.83 -5.14 6.65
C ILE B 120 21.51 -4.08 5.60
N MET B 121 22.53 -3.41 5.07
CA MET B 121 22.29 -2.37 4.07
C MET B 121 21.72 -2.97 2.79
N GLY B 122 22.15 -4.19 2.46
CA GLY B 122 21.66 -4.82 1.26
C GLY B 122 20.16 -5.04 1.32
N GLU B 123 19.70 -5.55 2.45
CA GLU B 123 18.27 -5.80 2.63
C GLU B 123 17.51 -4.46 2.64
N ARG B 124 18.06 -3.46 3.31
CA ARG B 124 17.40 -2.16 3.38
C ARG B 124 17.25 -1.55 1.99
N LEU B 125 18.34 -1.54 1.23
CA LEU B 125 18.32 -0.98 -0.11
C LEU B 125 17.27 -1.66 -0.98
N CYS B 126 17.23 -2.99 -0.94
CA CYS B 126 16.25 -3.71 -1.74
C CYS B 126 14.84 -3.37 -1.30
N ARG B 127 14.63 -3.31 0.00
CA ARG B 127 13.31 -3.02 0.56
C ARG B 127 12.83 -1.64 0.14
N ILE B 128 13.68 -0.63 0.31
CA ILE B 128 13.31 0.73 -0.04
C ILE B 128 13.06 0.85 -1.53
N THR B 129 13.88 0.17 -2.33
CA THR B 129 13.72 0.22 -3.78
C THR B 129 12.37 -0.35 -4.20
N GLN B 130 11.99 -1.50 -3.65
CA GLN B 130 10.70 -2.09 -4.00
C GLN B 130 9.57 -1.16 -3.57
N GLU B 131 9.71 -0.58 -2.38
CA GLU B 131 8.69 0.32 -1.89
C GLU B 131 8.56 1.54 -2.78
N SER B 132 9.68 2.00 -3.34
CA SER B 132 9.62 3.15 -4.22
C SER B 132 8.79 2.81 -5.45
N LEU B 133 8.91 1.55 -5.91
CA LEU B 133 8.14 1.09 -7.07
C LEU B 133 6.66 1.01 -6.69
N TYR B 134 6.39 0.45 -5.52
CA TYR B 134 5.03 0.29 -5.05
C TYR B 134 4.35 1.65 -4.91
N LEU B 135 5.09 2.60 -4.36
CA LEU B 135 4.59 3.95 -4.16
C LEU B 135 4.17 4.50 -5.53
N ALA B 136 5.02 4.31 -6.53
CA ALA B 136 4.74 4.78 -7.88
C ALA B 136 3.50 4.09 -8.43
N LEU B 137 3.44 2.77 -8.26
CA LEU B 137 2.32 2.00 -8.75
C LEU B 137 1.00 2.47 -8.15
N ARG B 138 1.02 2.84 -6.88
CA ARG B 138 -0.20 3.30 -6.22
C ARG B 138 -0.63 4.67 -6.72
N MET B 139 0.26 5.35 -7.43
CA MET B 139 -0.03 6.69 -7.95
C MET B 139 -0.61 6.66 -9.35
N VAL B 140 -0.32 5.61 -10.09
CA VAL B 140 -0.77 5.51 -11.48
C VAL B 140 -2.29 5.53 -11.64
N LYS B 141 -2.76 6.46 -12.47
CA LYS B 141 -4.18 6.60 -12.78
C LYS B 141 -4.30 7.75 -13.76
N PRO B 142 -5.36 7.72 -14.60
CA PRO B 142 -5.54 8.79 -15.59
C PRO B 142 -5.48 10.16 -14.94
N GLY B 143 -4.81 11.10 -15.61
CA GLY B 143 -4.73 12.44 -15.08
C GLY B 143 -3.43 12.77 -14.36
N ILE B 144 -2.80 11.77 -13.76
CA ILE B 144 -1.54 12.01 -13.06
C ILE B 144 -0.47 12.17 -14.13
N ASN B 145 0.47 13.08 -13.91
CA ASN B 145 1.53 13.30 -14.88
C ASN B 145 2.72 12.42 -14.49
N LEU B 146 3.40 11.87 -15.49
CA LEU B 146 4.54 11.03 -15.21
C LEU B 146 5.57 11.81 -14.39
N ARG B 147 5.67 13.12 -14.63
CA ARG B 147 6.63 13.92 -13.88
C ARG B 147 6.35 13.83 -12.39
N GLU B 148 5.06 13.79 -12.01
CA GLU B 148 4.68 13.71 -10.61
C GLU B 148 5.09 12.36 -10.02
N ILE B 149 4.98 11.32 -10.82
CA ILE B 149 5.35 9.99 -10.37
C ILE B 149 6.85 9.95 -10.12
N GLY B 150 7.61 10.47 -11.09
CA GLY B 150 9.06 10.50 -10.94
C GLY B 150 9.48 11.33 -9.73
N ALA B 151 8.80 12.47 -9.54
CA ALA B 151 9.10 13.35 -8.42
C ALA B 151 8.84 12.66 -7.09
N ALA B 152 7.78 11.85 -7.05
CA ALA B 152 7.39 11.14 -5.85
C ALA B 152 8.39 10.03 -5.52
N ILE B 153 8.87 9.33 -6.55
CA ILE B 153 9.84 8.26 -6.34
C ILE B 153 11.13 8.84 -5.74
N GLN B 154 11.65 9.86 -6.41
CA GLN B 154 12.88 10.51 -5.95
C GLN B 154 12.74 11.06 -4.54
N LYS B 155 11.62 11.74 -4.29
CA LYS B 155 11.37 12.33 -2.97
C LYS B 155 11.46 11.23 -1.91
N PHE B 156 10.83 10.09 -2.18
CA PHE B 156 10.83 8.96 -1.26
C PHE B 156 12.21 8.35 -1.09
N VAL B 157 12.86 8.05 -2.21
CA VAL B 157 14.19 7.46 -2.20
C VAL B 157 15.20 8.31 -1.42
N GLU B 158 15.22 9.61 -1.70
CA GLU B 158 16.15 10.50 -1.02
C GLU B 158 15.77 10.68 0.45
N ALA B 159 14.48 10.59 0.74
CA ALA B 159 14.00 10.72 2.11
C ALA B 159 14.44 9.51 2.92
N GLU B 160 14.70 8.41 2.22
CA GLU B 160 15.14 7.17 2.86
C GLU B 160 16.66 7.02 2.79
N GLY B 161 17.34 8.13 2.51
CA GLY B 161 18.80 8.13 2.46
C GLY B 161 19.49 7.51 1.27
N PHE B 162 18.77 7.32 0.16
CA PHE B 162 19.39 6.75 -1.02
C PHE B 162 19.30 7.71 -2.20
N SER B 163 19.86 7.31 -3.34
CA SER B 163 19.82 8.14 -4.53
C SER B 163 19.18 7.41 -5.70
N VAL B 164 18.63 8.18 -6.64
CA VAL B 164 17.98 7.61 -7.81
C VAL B 164 18.84 7.80 -9.05
N VAL B 165 19.06 6.72 -9.79
CA VAL B 165 19.85 6.79 -11.00
C VAL B 165 19.02 7.53 -12.06
N ARG B 166 19.65 8.49 -12.72
CA ARG B 166 18.96 9.31 -13.71
C ARG B 166 19.10 8.85 -15.17
N GLU B 167 20.21 8.21 -15.50
CA GLU B 167 20.47 7.77 -16.87
C GLU B 167 19.49 6.73 -17.39
N TYR B 168 18.94 5.90 -16.50
CA TYR B 168 18.00 4.89 -16.93
C TYR B 168 16.60 5.10 -16.37
N CYS B 169 15.61 4.71 -17.15
CA CYS B 169 14.23 4.93 -16.74
C CYS B 169 13.27 3.85 -17.20
N GLY B 170 12.01 4.02 -16.77
CA GLY B 170 10.96 3.10 -17.17
C GLY B 170 10.65 3.44 -18.61
N HIS B 171 9.76 2.70 -19.25
CA HIS B 171 9.48 2.96 -20.66
C HIS B 171 8.17 2.37 -21.13
N GLY B 172 7.61 2.98 -22.17
CA GLY B 172 6.39 2.45 -22.73
C GLY B 172 6.78 1.06 -23.21
N ILE B 173 5.80 0.20 -23.42
CA ILE B 173 6.09 -1.16 -23.85
C ILE B 173 4.86 -1.75 -24.52
N GLY B 174 5.10 -2.68 -25.44
CA GLY B 174 4.01 -3.32 -26.16
C GLY B 174 4.63 -4.24 -27.20
N ARG B 175 4.38 -3.96 -28.46
CA ARG B 175 4.98 -4.77 -29.51
C ARG B 175 6.46 -4.41 -29.57
N GLY B 176 6.79 -3.28 -28.95
CA GLY B 176 8.17 -2.82 -28.90
C GLY B 176 8.67 -3.00 -27.48
N PHE B 177 9.99 -3.11 -27.33
CA PHE B 177 10.60 -3.30 -26.02
C PHE B 177 10.59 -1.99 -25.25
N HIS B 178 11.22 -0.97 -25.82
CA HIS B 178 11.29 0.34 -25.18
C HIS B 178 10.64 1.38 -26.07
N GLU B 179 9.36 1.61 -25.84
CA GLU B 179 8.60 2.60 -26.60
C GLU B 179 8.42 3.83 -25.73
N GLU B 180 8.03 4.94 -26.32
CA GLU B 180 7.79 6.13 -25.53
C GLU B 180 6.56 5.78 -24.70
N PRO B 181 6.34 6.49 -23.57
CA PRO B 181 7.15 7.59 -23.05
C PRO B 181 8.26 7.10 -22.13
N GLN B 182 9.20 7.99 -21.83
CA GLN B 182 10.26 7.65 -20.90
C GLN B 182 9.63 7.83 -19.54
N VAL B 183 9.86 6.90 -18.64
CA VAL B 183 9.30 7.02 -17.30
C VAL B 183 10.44 7.29 -16.33
N LEU B 184 10.80 8.55 -16.18
CA LEU B 184 11.88 8.92 -15.28
C LEU B 184 11.48 8.62 -13.85
N HIS B 185 12.47 8.31 -13.02
CA HIS B 185 12.23 8.00 -11.63
C HIS B 185 12.65 9.16 -10.75
N TYR B 186 12.73 10.34 -11.34
CA TYR B 186 13.10 11.55 -10.61
C TYR B 186 12.34 12.72 -11.22
N ASP B 187 12.30 13.85 -10.52
CA ASP B 187 11.60 15.03 -11.00
C ASP B 187 12.41 15.75 -12.07
N SER B 188 11.85 15.84 -13.27
CA SER B 188 12.52 16.51 -14.38
C SER B 188 11.56 17.39 -15.14
N ARG B 189 12.04 18.58 -15.49
CA ARG B 189 11.21 19.53 -16.23
C ARG B 189 10.95 18.98 -17.64
N GLU B 190 11.73 17.98 -18.06
CA GLU B 190 11.55 17.42 -19.40
C GLU B 190 10.27 16.63 -19.49
N THR B 191 9.88 16.01 -18.38
CA THR B 191 8.70 15.16 -18.34
C THR B 191 7.35 15.85 -18.26
N ASN B 192 6.52 15.60 -19.27
CA ASN B 192 5.18 16.16 -19.30
C ASN B 192 4.28 15.22 -20.08
N VAL B 193 3.80 14.19 -19.40
CA VAL B 193 2.92 13.21 -19.99
C VAL B 193 1.77 12.94 -19.03
N VAL B 194 0.55 13.26 -19.46
CA VAL B 194 -0.63 13.02 -18.65
C VAL B 194 -1.09 11.61 -18.94
N LEU B 195 -1.12 10.76 -17.92
CA LEU B 195 -1.52 9.37 -18.11
C LEU B 195 -2.95 9.24 -18.61
N LYS B 196 -3.16 8.29 -19.50
CA LYS B 196 -4.45 8.02 -20.10
C LYS B 196 -4.68 6.51 -20.10
N PRO B 197 -5.95 6.07 -20.01
CA PRO B 197 -6.27 4.65 -20.00
C PRO B 197 -5.75 4.00 -21.27
N GLY B 198 -5.18 2.79 -21.15
CA GLY B 198 -4.68 2.11 -22.32
C GLY B 198 -3.17 2.18 -22.46
N MET B 199 -2.56 3.19 -21.87
CA MET B 199 -1.12 3.33 -21.93
C MET B 199 -0.49 2.18 -21.15
N THR B 200 0.55 1.59 -21.72
CA THR B 200 1.25 0.50 -21.06
C THR B 200 2.72 0.89 -20.97
N PHE B 201 3.29 0.76 -19.78
CA PHE B 201 4.69 1.10 -19.59
C PHE B 201 5.22 0.43 -18.34
N THR B 202 6.51 0.59 -18.11
CA THR B 202 7.14 0.00 -16.94
C THR B 202 7.58 1.08 -15.98
N ILE B 203 7.78 0.68 -14.74
CA ILE B 203 8.30 1.56 -13.71
C ILE B 203 9.40 0.67 -13.16
N GLU B 204 10.64 1.15 -13.18
CA GLU B 204 11.75 0.32 -12.74
C GLU B 204 12.85 1.13 -12.11
N PRO B 205 12.56 1.75 -10.96
CA PRO B 205 13.56 2.56 -10.28
C PRO B 205 14.85 1.83 -9.93
N MET B 206 15.98 2.47 -10.25
CA MET B 206 17.29 1.95 -9.94
C MET B 206 17.75 2.89 -8.84
N VAL B 207 17.99 2.33 -7.67
CA VAL B 207 18.38 3.11 -6.50
C VAL B 207 19.76 2.73 -6.00
N ASN B 208 20.59 3.73 -5.72
CA ASN B 208 21.94 3.47 -5.22
C ASN B 208 22.04 3.76 -3.74
N ALA B 209 22.86 2.97 -3.05
CA ALA B 209 23.05 3.17 -1.62
C ALA B 209 23.86 4.45 -1.44
N GLY B 210 24.77 4.69 -2.38
CA GLY B 210 25.60 5.88 -2.32
C GLY B 210 25.11 6.98 -3.24
N LYS B 211 26.03 7.56 -4.01
CA LYS B 211 25.69 8.63 -4.93
C LYS B 211 25.06 8.11 -6.21
N LYS B 212 24.26 8.96 -6.83
CA LYS B 212 23.55 8.60 -8.06
C LYS B 212 24.40 8.39 -9.30
N GLU B 213 25.60 8.96 -9.33
CA GLU B 213 26.46 8.85 -10.50
C GLU B 213 26.79 7.41 -10.89
N ILE B 214 26.77 7.14 -12.19
CA ILE B 214 27.07 5.80 -12.68
C ILE B 214 28.15 5.83 -13.75
N ARG B 215 28.56 4.64 -14.16
CA ARG B 215 29.59 4.48 -15.18
C ARG B 215 29.27 3.24 -16.00
N THR B 216 29.58 3.28 -17.29
CA THR B 216 29.33 2.14 -18.16
C THR B 216 30.66 1.47 -18.48
N MET B 217 30.67 0.14 -18.49
CA MET B 217 31.89 -0.60 -18.79
C MET B 217 32.13 -0.63 -20.29
N LYS B 218 33.34 -1.02 -20.69
CA LYS B 218 33.71 -1.07 -22.09
C LYS B 218 32.94 -2.11 -22.88
N ASP B 219 32.29 -3.04 -22.19
CA ASP B 219 31.52 -4.06 -22.89
C ASP B 219 30.28 -3.41 -23.48
N GLY B 220 30.08 -2.15 -23.13
CA GLY B 220 28.95 -1.37 -23.64
C GLY B 220 27.61 -1.55 -22.96
N TRP B 221 27.53 -2.48 -22.02
CA TRP B 221 26.27 -2.73 -21.33
C TRP B 221 26.30 -2.55 -19.83
N THR B 222 27.21 -3.24 -19.18
CA THR B 222 27.33 -3.19 -17.73
C THR B 222 27.48 -1.79 -17.18
N VAL B 223 26.53 -1.40 -16.34
CA VAL B 223 26.55 -0.09 -15.70
C VAL B 223 26.86 -0.33 -14.24
N LYS B 224 27.72 0.51 -13.66
CA LYS B 224 28.07 0.39 -12.26
C LYS B 224 27.98 1.75 -11.59
N THR B 225 27.83 1.75 -10.27
CA THR B 225 27.77 3.00 -9.53
C THR B 225 29.19 3.54 -9.54
N LYS B 226 29.34 4.84 -9.75
CA LYS B 226 30.67 5.44 -9.79
C LYS B 226 31.42 5.27 -8.47
N ASP B 227 30.72 5.32 -7.35
CA ASP B 227 31.35 5.17 -6.05
C ASP B 227 31.35 3.70 -5.60
N ARG B 228 31.00 2.82 -6.51
CA ARG B 228 30.94 1.38 -6.25
C ARG B 228 30.05 0.98 -5.07
N SER B 229 29.00 1.76 -4.84
CA SER B 229 28.06 1.48 -3.76
C SER B 229 27.03 0.51 -4.36
N LEU B 230 26.25 -0.13 -3.49
CA LEU B 230 25.23 -1.07 -3.95
C LEU B 230 24.12 -0.37 -4.69
N SER B 231 23.48 -1.11 -5.59
CA SER B 231 22.37 -0.55 -6.36
C SER B 231 21.31 -1.64 -6.41
N ALA B 232 20.04 -1.23 -6.37
CA ALA B 232 18.94 -2.16 -6.42
C ALA B 232 17.88 -1.67 -7.38
N GLN B 233 17.07 -2.59 -7.88
CA GLN B 233 16.01 -2.24 -8.82
C GLN B 233 14.89 -3.26 -8.84
N TYR B 234 13.67 -2.78 -8.99
CA TYR B 234 12.49 -3.63 -9.11
C TYR B 234 11.72 -3.05 -10.27
N GLU B 235 11.00 -3.89 -10.99
CA GLU B 235 10.23 -3.42 -12.12
C GLU B 235 8.97 -4.21 -12.40
N HIS B 236 7.95 -3.49 -12.84
CA HIS B 236 6.68 -4.11 -13.20
C HIS B 236 6.18 -3.44 -14.46
N THR B 237 5.46 -4.19 -15.26
CA THR B 237 4.85 -3.67 -16.47
C THR B 237 3.40 -3.47 -16.08
N ILE B 238 2.83 -2.34 -16.46
CA ILE B 238 1.47 -2.06 -16.09
C ILE B 238 0.73 -1.46 -17.26
N VAL B 239 -0.59 -1.38 -17.10
CA VAL B 239 -1.45 -0.77 -18.08
C VAL B 239 -2.30 0.18 -17.25
N VAL B 240 -2.48 1.39 -17.75
CA VAL B 240 -3.29 2.38 -17.05
C VAL B 240 -4.75 2.03 -17.32
N THR B 241 -5.52 1.93 -16.25
CA THR B 241 -6.95 1.61 -16.38
C THR B 241 -7.74 2.90 -16.23
N ASP B 242 -9.06 2.80 -16.30
CA ASP B 242 -9.89 3.99 -16.18
C ASP B 242 -9.82 4.67 -14.81
N ASN B 243 -9.43 3.93 -13.78
CA ASN B 243 -9.37 4.50 -12.44
C ASN B 243 -8.12 4.10 -11.66
N GLY B 244 -7.07 3.73 -12.38
CA GLY B 244 -5.84 3.34 -11.71
C GLY B 244 -4.94 2.60 -12.67
N CYS B 245 -4.51 1.41 -12.30
CA CYS B 245 -3.65 0.63 -13.16
C CYS B 245 -3.75 -0.85 -12.83
N GLU B 246 -3.24 -1.67 -13.73
CA GLU B 246 -3.23 -3.10 -13.54
C GLU B 246 -1.80 -3.56 -13.76
N ILE B 247 -1.25 -4.26 -12.78
CA ILE B 247 0.11 -4.77 -12.87
C ILE B 247 0.01 -6.06 -13.65
N LEU B 248 0.73 -6.13 -14.77
CA LEU B 248 0.70 -7.30 -15.63
C LEU B 248 1.78 -8.33 -15.33
N THR B 249 2.72 -7.96 -14.46
CA THR B 249 3.82 -8.84 -14.11
C THR B 249 3.84 -9.16 -12.62
N LEU B 250 2.67 -9.16 -12.01
CA LEU B 250 2.58 -9.45 -10.57
C LEU B 250 3.00 -10.89 -10.27
N ARG B 251 3.69 -11.07 -9.14
CA ARG B 251 4.14 -12.38 -8.71
C ARG B 251 3.46 -12.74 -7.40
N LYS B 252 3.56 -14.01 -7.02
CA LYS B 252 2.98 -14.48 -5.78
C LYS B 252 3.57 -13.74 -4.57
N ASP B 253 4.85 -13.40 -4.65
CA ASP B 253 5.52 -12.71 -3.55
C ASP B 253 5.28 -11.20 -3.49
N ASP B 254 4.65 -10.63 -4.51
CA ASP B 254 4.37 -9.19 -4.47
C ASP B 254 3.39 -8.96 -3.33
N THR B 255 3.53 -7.82 -2.65
CA THR B 255 2.64 -7.48 -1.54
C THR B 255 1.81 -6.25 -1.91
N ILE B 256 1.32 -6.29 -3.14
CA ILE B 256 0.49 -5.23 -3.68
C ILE B 256 -0.45 -5.98 -4.64
N PRO B 257 -1.71 -5.54 -4.74
CA PRO B 257 -2.69 -6.18 -5.62
C PRO B 257 -2.37 -5.94 -7.09
N ALA B 258 -2.81 -6.86 -7.94
CA ALA B 258 -2.59 -6.75 -9.37
C ALA B 258 -3.34 -5.53 -9.89
N ILE B 259 -4.57 -5.36 -9.45
CA ILE B 259 -5.39 -4.24 -9.87
C ILE B 259 -5.47 -3.18 -8.77
N ILE B 260 -5.02 -1.97 -9.07
CA ILE B 260 -5.06 -0.89 -8.11
C ILE B 260 -6.10 0.11 -8.58
N SER B 261 -7.21 0.19 -7.84
CA SER B 261 -8.29 1.10 -8.16
C SER B 261 -8.27 2.30 -7.23
N HIS B 262 -8.79 3.43 -7.70
CA HIS B 262 -8.82 4.64 -6.90
C HIS B 262 -10.25 5.15 -6.68
N ASP B 263 -11.21 4.22 -6.73
CA ASP B 263 -12.62 4.55 -6.52
C ASP B 263 -12.91 4.82 -5.05
CO CO C . -11.96 2.53 9.49
CO CO D . -13.39 5.06 8.36
CO CO E . -8.09 4.33 6.59
O CT0 F . -7.62 4.16 2.49
C1 CT0 F . -7.83 4.43 3.70
N2 CT0 F . -7.91 3.44 4.66
C3 CT0 F . -7.75 2.12 4.40
N CT0 F . -7.81 1.13 5.29
S CT0 F . -7.45 1.42 2.91
C5 CT0 F . -7.39 -0.17 3.38
C4 CT0 F . -7.61 -0.17 4.75
O2 CT0 F . -8.23 6.12 5.31
C6 CT0 F . -8.02 5.86 4.11
N7 CT0 F . -7.95 6.84 3.14
C8 CT0 F . -8.12 8.25 3.51
C9 CT0 F . -6.87 9.14 3.39
C10 CT0 F . -9.13 9.07 2.68
C11 CT0 F . -8.32 9.56 1.47
C12 CT0 F . -6.86 9.61 1.93
CO CO G . 13.38 -4.81 -17.57
CO CO H . 11.94 -2.22 -18.54
CO CO I . 17.36 -2.37 -19.86
O CT0 J . 18.19 -2.07 -23.81
C1 CT0 J . 17.86 -1.95 -22.61
N2 CT0 J . 17.78 -3.06 -21.78
C3 CT0 J . 18.04 -4.32 -22.19
N CT0 J . 17.97 -5.42 -21.44
S CT0 J . 18.49 -4.80 -23.73
C5 CT0 J . 18.61 -6.44 -23.46
C4 CT0 J . 18.30 -6.62 -22.12
O2 CT0 J . 17.23 -0.48 -20.87
C6 CT0 J . 17.55 -0.61 -22.06
N7 CT0 J . 17.64 0.49 -22.90
C8 CT0 J . 17.33 1.85 -22.41
C9 CT0 J . 18.52 2.82 -22.28
C10 CT0 J . 16.37 2.67 -23.28
C11 CT0 J . 17.26 3.35 -24.32
C12 CT0 J . 18.66 3.44 -23.68
#